data_4TQL
#
_entry.id   4TQL
#
_cell.length_a   24.877
_cell.length_b   41.547
_cell.length_c   133.202
_cell.angle_alpha   98.94
_cell.angle_beta   92.25
_cell.angle_gamma   90.06
#
_symmetry.space_group_name_H-M   'P 1'
#
loop_
_entity.id
_entity.type
_entity.pdbx_description
1 polymer 'Three helix bundle'
2 water water
#
_entity_poly.entity_id   1
_entity_poly.type   'polypeptide(L)'
_entity_poly.pdbx_seq_one_letter_code
;NEDDMKKLYKQMVQELEKARDRMEKLYKEMVELIQKAIELMRKIFQEVKQEVEKAIEEMKKLYDEAKKKIEQMIQQIKQG
GDKQKMEELLKRAKEEMKKVKDKMEKLLEKLKQIMQEAKQKMEKLLKQLKEEMKKMKEKMEKLLKEMKQRMEEVKKKMDG
DDELLEKIKKNIDDLKKIAEDLIKKAEENIKEAKKIAEQLVKRAKQLIEKAKQVAEELIKKILQLIEKAKEIAEKVLKGL
EHHHHHH
;
_entity_poly.pdbx_strand_id   A,B
#
# COMPACT_ATOMS: atom_id res chain seq x y z
N TYR A 9 -4.32 -25.06 44.63
CA TYR A 9 -5.33 -24.61 43.70
C TYR A 9 -5.06 -23.18 43.25
N LYS A 10 -4.58 -22.32 44.14
CA LYS A 10 -4.25 -20.96 43.72
C LYS A 10 -3.14 -20.88 42.68
N GLN A 11 -2.13 -21.73 42.79
CA GLN A 11 -1.05 -21.77 41.83
C GLN A 11 -1.47 -22.34 40.46
N MET A 12 -2.67 -22.87 40.40
CA MET A 12 -3.22 -23.41 39.18
C MET A 12 -4.39 -22.49 38.78
N VAL A 13 -4.65 -21.49 39.59
CA VAL A 13 -5.63 -20.47 39.25
C VAL A 13 -4.87 -19.26 38.70
N GLN A 14 -3.73 -18.98 39.32
CA GLN A 14 -2.86 -17.92 38.87
C GLN A 14 -2.46 -18.12 37.41
N GLU A 15 -1.94 -19.30 37.14
CA GLU A 15 -1.38 -19.60 35.82
C GLU A 15 -2.45 -19.72 34.71
N LEU A 16 -3.68 -20.08 35.09
CA LEU A 16 -4.81 -20.17 34.17
C LEU A 16 -5.27 -18.79 33.75
N GLU A 17 -5.37 -17.86 34.69
CA GLU A 17 -5.68 -16.48 34.33
C GLU A 17 -4.51 -15.82 33.61
N LYS A 18 -3.29 -16.31 33.80
CA LYS A 18 -2.19 -15.83 32.98
C LYS A 18 -2.45 -16.26 31.55
N ALA A 19 -2.81 -17.52 31.38
CA ALA A 19 -3.15 -18.06 30.07
C ALA A 19 -4.31 -17.35 29.37
N ARG A 20 -5.37 -17.09 30.12
CA ARG A 20 -6.52 -16.39 29.58
C ARG A 20 -6.13 -14.96 29.19
N ASP A 21 -5.34 -14.35 30.05
CA ASP A 21 -4.81 -13.02 29.77
C ASP A 21 -3.97 -13.08 28.51
N ARG A 22 -3.37 -14.24 28.21
CA ARG A 22 -2.64 -14.41 26.96
C ARG A 22 -3.55 -14.50 25.72
N MET A 23 -4.64 -15.25 25.84
CA MET A 23 -5.55 -15.41 24.71
C MET A 23 -6.30 -14.12 24.32
N GLU A 24 -6.66 -13.27 25.29
CA GLU A 24 -7.30 -11.99 24.95
C GLU A 24 -6.33 -11.10 24.14
N LYS A 25 -5.05 -11.19 24.47
CA LYS A 25 -3.98 -10.52 23.74
C LYS A 25 -3.81 -11.10 22.33
N LEU A 26 -3.77 -12.42 22.20
CA LEU A 26 -3.72 -13.04 20.88
C LEU A 26 -4.84 -12.57 19.99
N TYR A 27 -6.05 -12.60 20.55
CA TYR A 27 -7.22 -12.14 19.84
C TYR A 27 -7.12 -10.72 19.39
N LYS A 28 -6.94 -9.81 20.33
CA LYS A 28 -6.89 -8.39 19.95
C LYS A 28 -5.74 -8.05 19.01
N GLU A 29 -4.68 -8.83 19.02
CA GLU A 29 -3.67 -8.61 18.02
C GLU A 29 -4.12 -9.10 16.64
N MET A 30 -4.84 -10.22 16.60
CA MET A 30 -5.45 -10.66 15.35
C MET A 30 -6.48 -9.65 14.79
N VAL A 31 -7.23 -9.00 15.68
CA VAL A 31 -8.24 -8.04 15.26
C VAL A 31 -7.61 -6.71 14.83
N GLU A 32 -6.52 -6.28 15.49
CA GLU A 32 -5.76 -5.11 15.01
C GLU A 32 -5.20 -5.38 13.62
N LEU A 33 -4.67 -6.59 13.45
CA LEU A 33 -4.24 -7.09 12.14
C LEU A 33 -5.31 -6.93 11.06
N ILE A 34 -6.49 -7.46 11.36
CA ILE A 34 -7.61 -7.37 10.43
C ILE A 34 -7.99 -5.94 10.08
N GLN A 35 -8.15 -5.09 11.09
CA GLN A 35 -8.54 -3.69 10.84
C GLN A 35 -7.51 -2.89 10.02
N LYS A 36 -6.22 -3.13 10.23
CA LYS A 36 -5.22 -2.50 9.39
C LYS A 36 -5.28 -3.03 7.96
N ALA A 37 -5.51 -4.33 7.81
CA ALA A 37 -5.69 -4.91 6.49
C ALA A 37 -6.85 -4.18 5.80
N ILE A 38 -7.94 -3.94 6.52
CA ILE A 38 -9.05 -3.16 5.96
C ILE A 38 -8.65 -1.75 5.55
N GLU A 39 -7.92 -1.02 6.38
CA GLU A 39 -7.48 0.32 6.00
C GLU A 39 -6.60 0.28 4.74
N LEU A 40 -5.82 -0.77 4.59
CA LEU A 40 -5.05 -1.00 3.37
C LEU A 40 -5.98 -1.15 2.17
N MET A 41 -7.07 -1.91 2.36
CA MET A 41 -8.07 -2.06 1.31
C MET A 41 -8.69 -0.73 0.89
N ARG A 42 -9.05 0.12 1.84
CA ARG A 42 -9.61 1.42 1.49
C ARG A 42 -8.62 2.37 0.80
N LYS A 43 -7.37 2.43 1.26
CA LYS A 43 -6.38 3.23 0.52
C LYS A 43 -6.12 2.66 -0.89
N ILE A 44 -6.25 1.35 -1.04
CA ILE A 44 -6.16 0.73 -2.36
C ILE A 44 -7.31 1.21 -3.26
N PHE A 45 -8.51 1.20 -2.69
CA PHE A 45 -9.64 1.74 -3.43
C PHE A 45 -9.51 3.21 -3.78
N GLN A 46 -9.09 4.04 -2.83
CA GLN A 46 -8.93 5.44 -3.15
C GLN A 46 -7.86 5.69 -4.22
N GLU A 47 -6.77 4.94 -4.20
CA GLU A 47 -5.81 5.07 -5.29
C GLU A 47 -6.48 4.78 -6.66
N VAL A 48 -7.21 3.68 -6.73
CA VAL A 48 -7.99 3.36 -7.94
C VAL A 48 -8.98 4.45 -8.39
N LYS A 49 -9.73 5.02 -7.45
CA LYS A 49 -10.68 6.08 -7.75
C LYS A 49 -10.00 7.35 -8.26
N GLN A 50 -8.92 7.78 -7.60
CA GLN A 50 -8.12 8.90 -8.08
C GLN A 50 -7.66 8.70 -9.54
N GLU A 51 -7.15 7.51 -9.84
CA GLU A 51 -6.72 7.19 -11.20
C GLU A 51 -7.85 7.18 -12.25
N VAL A 52 -8.99 6.61 -11.91
CA VAL A 52 -10.17 6.63 -12.80
C VAL A 52 -10.64 8.06 -13.09
N GLU A 53 -10.74 8.89 -12.06
CA GLU A 53 -11.08 10.30 -12.28
C GLU A 53 -10.09 11.04 -13.16
N LYS A 54 -8.79 10.85 -12.93
CA LYS A 54 -7.81 11.53 -13.76
C LYS A 54 -7.88 11.09 -15.23
N ALA A 55 -8.07 9.79 -15.45
CA ALA A 55 -8.26 9.28 -16.80
C ALA A 55 -9.47 9.94 -17.44
N ILE A 56 -10.52 10.15 -16.67
CA ILE A 56 -11.66 10.89 -17.20
C ILE A 56 -11.30 12.34 -17.55
N GLU A 57 -10.56 13.02 -16.68
CA GLU A 57 -10.13 14.39 -16.93
C GLU A 57 -9.18 14.48 -18.11
N GLU A 58 -8.69 13.34 -18.58
CA GLU A 58 -7.83 13.29 -19.76
C GLU A 58 -8.62 12.97 -21.03
N MET A 59 -9.68 12.17 -20.90
CA MET A 59 -10.59 11.91 -22.01
C MET A 59 -11.32 13.20 -22.42
N LYS A 60 -11.65 14.01 -21.43
CA LYS A 60 -12.25 15.30 -21.69
C LYS A 60 -11.33 16.28 -22.44
N LYS A 61 -10.09 16.41 -22.01
CA LYS A 61 -9.14 17.27 -22.71
C LYS A 61 -8.84 16.68 -24.11
N LEU A 62 -8.92 15.35 -24.26
CA LEU A 62 -8.84 14.73 -25.59
C LEU A 62 -9.94 15.18 -26.53
N TYR A 63 -11.17 15.19 -26.01
CA TYR A 63 -12.32 15.67 -26.77
C TYR A 63 -12.18 17.11 -27.14
N ASP A 64 -11.87 17.96 -26.19
CA ASP A 64 -11.75 19.36 -26.51
C ASP A 64 -10.64 19.65 -27.53
N GLU A 65 -9.52 18.98 -27.37
CA GLU A 65 -8.43 19.00 -28.33
C GLU A 65 -8.89 18.61 -29.72
N ALA A 66 -9.69 17.55 -29.82
CA ALA A 66 -10.19 17.10 -31.11
C ALA A 66 -11.18 18.08 -31.75
N LYS A 67 -12.02 18.66 -30.90
CA LYS A 67 -13.13 19.51 -31.31
C LYS A 67 -12.70 20.89 -31.78
N LYS A 68 -11.66 21.45 -31.17
CA LYS A 68 -11.10 22.71 -31.68
C LYS A 68 -10.60 22.53 -33.12
N LYS A 69 -9.89 21.43 -33.34
CA LYS A 69 -9.31 21.04 -34.61
C LYS A 69 -10.38 20.87 -35.67
N ILE A 70 -11.41 20.12 -35.30
CA ILE A 70 -12.48 19.83 -36.23
C ILE A 70 -13.32 21.07 -36.54
N GLU A 71 -13.64 21.88 -35.54
CA GLU A 71 -14.40 23.10 -35.82
C GLU A 71 -13.66 24.04 -36.75
N GLN A 72 -12.36 24.23 -36.52
CA GLN A 72 -11.62 25.08 -37.44
C GLN A 72 -11.49 24.44 -38.81
N MET A 73 -11.45 23.10 -38.88
CA MET A 73 -11.55 22.46 -40.18
C MET A 73 -12.84 22.85 -40.87
N ILE A 74 -13.95 22.84 -40.13
CA ILE A 74 -15.25 23.23 -40.64
C ILE A 74 -15.29 24.69 -41.10
N GLN A 75 -14.51 25.54 -40.44
CA GLN A 75 -14.35 26.91 -40.90
C GLN A 75 -13.62 26.90 -42.24
N GLN A 76 -12.63 26.03 -42.38
CA GLN A 76 -11.93 25.87 -43.64
C GLN A 76 -12.91 25.36 -44.70
N ILE A 77 -13.96 24.68 -44.27
CA ILE A 77 -15.02 24.30 -45.19
C ILE A 77 -15.89 25.48 -45.63
N LYS A 78 -16.34 26.27 -44.67
CA LYS A 78 -17.07 27.49 -44.98
C LYS A 78 -16.38 28.42 -45.96
N GLN A 79 -15.04 28.47 -45.91
CA GLN A 79 -14.29 29.33 -46.83
C GLN A 79 -13.58 28.50 -47.89
N GLY A 80 -13.85 27.20 -47.91
CA GLY A 80 -13.21 26.32 -48.86
C GLY A 80 -13.85 26.35 -50.21
N GLY A 81 -13.19 25.70 -51.17
CA GLY A 81 -13.67 25.67 -52.54
C GLY A 81 -12.90 24.68 -53.37
N ASP A 82 -13.64 23.66 -53.77
CA ASP A 82 -13.27 22.51 -54.58
C ASP A 82 -13.94 21.32 -53.92
N LYS A 83 -14.41 20.37 -54.71
CA LYS A 83 -15.01 19.16 -54.16
C LYS A 83 -13.86 18.41 -53.47
N GLN A 84 -12.72 18.53 -54.13
CA GLN A 84 -11.45 17.95 -53.72
C GLN A 84 -11.04 18.39 -52.34
N LYS A 85 -10.79 19.68 -52.16
CA LYS A 85 -10.44 20.24 -50.86
C LYS A 85 -11.45 19.83 -49.78
N MET A 86 -12.71 19.68 -50.19
CA MET A 86 -13.75 19.27 -49.25
C MET A 86 -13.48 17.88 -48.71
N GLU A 87 -13.41 16.89 -49.61
CA GLU A 87 -13.16 15.53 -49.21
C GLU A 87 -11.83 15.44 -48.46
N GLU A 88 -10.90 16.33 -48.78
CA GLU A 88 -9.61 16.34 -48.08
C GLU A 88 -9.75 16.78 -46.63
N LEU A 89 -10.55 17.80 -46.38
CA LEU A 89 -10.77 18.21 -45.01
C LEU A 89 -11.61 17.21 -44.21
N LEU A 90 -12.60 16.61 -44.85
CA LEU A 90 -13.40 15.57 -44.22
C LEU A 90 -12.49 14.44 -43.84
N LYS A 91 -11.49 14.24 -44.67
CA LYS A 91 -10.47 13.23 -44.47
C LYS A 91 -9.72 13.54 -43.19
N ARG A 92 -9.19 14.76 -43.10
CA ARG A 92 -8.46 15.20 -41.93
C ARG A 92 -9.25 15.03 -40.65
N ALA A 93 -10.57 15.23 -40.73
CA ALA A 93 -11.46 15.10 -39.57
C ALA A 93 -11.67 13.66 -39.13
N LYS A 94 -11.90 12.75 -40.07
CA LYS A 94 -12.01 11.37 -39.67
C LYS A 94 -10.68 10.87 -39.10
N GLU A 95 -9.59 11.40 -39.61
CA GLU A 95 -8.26 11.10 -39.10
C GLU A 95 -8.06 11.53 -37.63
N GLU A 96 -8.33 12.80 -37.36
CA GLU A 96 -8.20 13.33 -36.03
C GLU A 96 -9.13 12.63 -35.04
N MET A 97 -10.36 12.36 -35.47
CA MET A 97 -11.26 11.57 -34.65
C MET A 97 -10.73 10.16 -34.29
N LYS A 98 -10.13 9.49 -35.27
CA LYS A 98 -9.60 8.14 -35.06
C LYS A 98 -8.48 8.16 -34.04
N LYS A 99 -7.61 9.17 -34.16
CA LYS A 99 -6.60 9.40 -33.15
C LYS A 99 -7.24 9.43 -31.77
N VAL A 100 -8.25 10.26 -31.61
CA VAL A 100 -8.86 10.44 -30.30
C VAL A 100 -9.52 9.14 -29.75
N LYS A 101 -10.17 8.38 -30.61
CA LYS A 101 -10.77 7.11 -30.21
C LYS A 101 -9.70 6.10 -29.77
N ASP A 102 -8.60 6.07 -30.49
CA ASP A 102 -7.48 5.21 -30.10
C ASP A 102 -6.93 5.58 -28.75
N LYS A 103 -6.80 6.88 -28.52
CA LYS A 103 -6.29 7.29 -27.25
C LYS A 103 -7.17 6.91 -26.08
N MET A 104 -8.47 7.09 -26.22
CA MET A 104 -9.38 6.64 -25.20
C MET A 104 -9.36 5.13 -24.96
N GLU A 105 -9.34 4.36 -26.05
CA GLU A 105 -9.16 2.91 -26.02
C GLU A 105 -7.95 2.53 -25.14
N LYS A 106 -6.81 3.20 -25.33
CA LYS A 106 -5.66 3.05 -24.43
C LYS A 106 -6.01 3.36 -22.97
N LEU A 107 -6.59 4.53 -22.72
CA LEU A 107 -6.99 4.88 -21.36
C LEU A 107 -7.84 3.83 -20.64
N LEU A 108 -8.89 3.35 -21.29
CA LEU A 108 -9.73 2.39 -20.67
C LEU A 108 -9.01 1.08 -20.43
N GLU A 109 -8.17 0.66 -21.36
CA GLU A 109 -7.42 -0.57 -21.12
C GLU A 109 -6.55 -0.40 -19.86
N LYS A 110 -5.92 0.76 -19.72
CA LYS A 110 -5.24 1.13 -18.49
C LYS A 110 -6.09 0.96 -17.23
N LEU A 111 -7.32 1.47 -17.28
CA LEU A 111 -8.28 1.33 -16.19
C LEU A 111 -8.62 -0.13 -15.84
N LYS A 112 -8.83 -0.99 -16.83
CA LYS A 112 -9.06 -2.41 -16.56
C LYS A 112 -7.91 -3.09 -15.84
N GLN A 113 -6.69 -2.84 -16.28
CA GLN A 113 -5.56 -3.45 -15.63
C GLN A 113 -5.32 -2.88 -14.23
N ILE A 114 -5.45 -1.58 -14.04
CA ILE A 114 -5.42 -1.06 -12.67
C ILE A 114 -6.49 -1.73 -11.76
N MET A 115 -7.72 -1.90 -12.25
CA MET A 115 -8.77 -2.63 -11.54
C MET A 115 -8.34 -4.02 -11.10
N GLN A 116 -7.73 -4.74 -12.02
CA GLN A 116 -7.28 -6.09 -11.78
C GLN A 116 -6.15 -6.14 -10.78
N GLU A 117 -5.27 -5.15 -10.88
CA GLU A 117 -4.16 -4.95 -9.94
C GLU A 117 -4.74 -4.82 -8.53
N ALA A 118 -5.76 -3.96 -8.36
CA ALA A 118 -6.34 -3.76 -7.03
C ALA A 118 -7.14 -4.96 -6.52
N LYS A 119 -7.74 -5.72 -7.43
CA LYS A 119 -8.48 -6.88 -6.95
C LYS A 119 -7.57 -7.99 -6.49
N GLN A 120 -6.53 -8.26 -7.27
CA GLN A 120 -5.65 -9.31 -6.83
C GLN A 120 -4.89 -8.88 -5.56
N LYS A 121 -4.62 -7.58 -5.39
CA LYS A 121 -4.06 -7.16 -4.10
C LYS A 121 -5.03 -7.40 -2.94
N MET A 122 -6.32 -7.16 -3.12
CA MET A 122 -7.29 -7.44 -2.07
C MET A 122 -7.38 -8.93 -1.77
N GLU A 123 -7.32 -9.79 -2.78
CA GLU A 123 -7.30 -11.20 -2.46
C GLU A 123 -6.05 -11.62 -1.71
N LYS A 124 -4.91 -11.04 -2.04
CA LYS A 124 -3.69 -11.27 -1.27
C LYS A 124 -3.86 -10.87 0.21
N LEU A 125 -4.40 -9.68 0.46
CA LEU A 125 -4.69 -9.29 1.84
C LEU A 125 -5.58 -10.30 2.55
N LEU A 126 -6.69 -10.67 1.94
CA LEU A 126 -7.60 -11.60 2.57
C LEU A 126 -6.98 -12.96 2.86
N LYS A 127 -6.11 -13.44 1.97
CA LYS A 127 -5.41 -14.69 2.23
C LYS A 127 -4.46 -14.57 3.43
N GLN A 128 -3.68 -13.49 3.48
CA GLN A 128 -2.83 -13.23 4.65
C GLN A 128 -3.63 -13.22 5.94
N LEU A 129 -4.80 -12.61 5.89
CA LEU A 129 -5.69 -12.56 7.04
C LEU A 129 -6.05 -13.97 7.50
N LYS A 130 -6.41 -14.81 6.54
CA LYS A 130 -6.79 -16.18 6.82
C LYS A 130 -5.66 -17.03 7.44
N GLU A 131 -4.47 -16.91 6.89
CA GLU A 131 -3.40 -17.69 7.44
C GLU A 131 -3.00 -17.22 8.82
N GLU A 132 -2.98 -15.92 9.04
CA GLU A 132 -2.55 -15.47 10.34
C GLU A 132 -3.64 -15.82 11.36
N MET A 133 -4.87 -15.97 10.90
CA MET A 133 -5.89 -16.45 11.80
C MET A 133 -5.67 -17.91 12.15
N LYS A 134 -5.15 -18.69 11.20
CA LYS A 134 -4.75 -20.08 11.51
C LYS A 134 -3.60 -20.16 12.52
N LYS A 135 -2.64 -19.27 12.37
CA LYS A 135 -1.51 -19.25 13.27
C LYS A 135 -1.99 -18.90 14.67
N MET A 136 -2.87 -17.91 14.74
CA MET A 136 -3.51 -17.47 15.96
C MET A 136 -4.28 -18.61 16.65
N LYS A 137 -4.90 -19.47 15.86
CA LYS A 137 -5.63 -20.62 16.42
C LYS A 137 -4.69 -21.63 17.03
N GLU A 138 -3.64 -21.99 16.31
CA GLU A 138 -2.77 -23.04 16.81
C GLU A 138 -1.95 -22.57 18.02
N LYS A 139 -1.71 -21.28 18.15
CA LYS A 139 -1.08 -20.80 19.36
C LYS A 139 -1.95 -20.99 20.62
N MET A 140 -3.23 -20.72 20.49
CA MET A 140 -4.20 -20.92 21.54
C MET A 140 -4.31 -22.39 21.89
N GLU A 141 -4.23 -23.27 20.89
CA GLU A 141 -4.30 -24.68 21.17
C GLU A 141 -3.07 -25.25 21.88
N LYS A 142 -1.89 -24.73 21.55
CA LYS A 142 -0.72 -25.05 22.32
C LYS A 142 -0.98 -24.61 23.78
N LEU A 143 -1.48 -23.40 23.98
CA LEU A 143 -1.86 -22.94 25.33
C LEU A 143 -2.76 -23.92 26.05
N LEU A 144 -3.70 -24.50 25.32
CA LEU A 144 -4.58 -25.45 25.96
C LEU A 144 -3.83 -26.70 26.34
N LYS A 145 -2.79 -27.02 25.57
CA LYS A 145 -1.95 -28.17 25.90
C LYS A 145 -1.17 -27.93 27.17
N GLU A 146 -0.68 -26.72 27.35
CA GLU A 146 0.09 -26.39 28.53
C GLU A 146 -0.77 -26.45 29.78
N MET A 147 -2.04 -26.10 29.63
CA MET A 147 -2.97 -26.15 30.74
C MET A 147 -3.29 -27.58 31.13
N LYS A 148 -3.47 -28.41 30.12
CA LYS A 148 -3.74 -29.80 30.33
C LYS A 148 -2.57 -30.50 31.00
N GLN A 149 -1.36 -30.12 30.63
CA GLN A 149 -0.19 -30.71 31.24
C GLN A 149 0.02 -30.25 32.68
N ARG A 150 -0.12 -28.96 32.97
CA ARG A 150 0.09 -28.56 34.35
C ARG A 150 -1.02 -29.10 35.24
N MET A 151 -2.17 -29.40 34.64
CA MET A 151 -3.20 -30.11 35.37
C MET A 151 -2.84 -31.57 35.64
N GLU A 152 -2.19 -32.20 34.66
CA GLU A 152 -1.76 -33.56 34.85
C GLU A 152 -0.64 -33.62 35.89
N GLU A 153 0.07 -32.51 36.00
CA GLU A 153 1.06 -32.29 37.03
C GLU A 153 0.40 -32.28 38.40
N VAL A 154 -0.51 -31.33 38.59
CA VAL A 154 -1.20 -31.18 39.88
C VAL A 154 -1.96 -32.48 40.24
N LYS A 155 -2.21 -33.34 39.25
CA LYS A 155 -2.73 -34.67 39.54
C LYS A 155 -1.64 -35.58 40.10
N LYS A 156 -0.64 -35.86 39.27
CA LYS A 156 0.33 -36.90 39.57
C LYS A 156 1.14 -36.61 40.84
N LYS A 157 1.00 -35.40 41.37
CA LYS A 157 1.72 -35.05 42.56
C LYS A 157 0.83 -35.08 43.79
N MET A 158 -0.02 -34.10 43.98
CA MET A 158 -0.87 -34.20 45.16
C MET A 158 -2.02 -35.16 44.92
N ASP A 159 -2.14 -36.11 45.83
CA ASP A 159 -3.11 -37.21 45.72
C ASP A 159 -4.03 -37.34 46.92
N ASP A 162 -10.02 -34.25 45.28
CA ASP A 162 -11.14 -34.66 44.45
C ASP A 162 -12.09 -33.53 44.09
N GLU A 163 -12.29 -32.58 45.00
CA GLU A 163 -13.09 -31.40 44.64
C GLU A 163 -12.19 -30.34 44.03
N LEU A 164 -10.91 -30.35 44.41
CA LEU A 164 -9.94 -29.48 43.77
C LEU A 164 -9.67 -29.93 42.34
N LEU A 165 -9.40 -31.21 42.17
CA LEU A 165 -9.20 -31.80 40.86
C LEU A 165 -10.29 -31.34 39.88
N GLU A 166 -11.53 -31.30 40.37
CA GLU A 166 -12.67 -30.94 39.55
C GLU A 166 -12.93 -29.43 39.56
N LYS A 167 -12.24 -28.71 40.43
CA LYS A 167 -12.35 -27.26 40.41
C LYS A 167 -11.35 -26.74 39.41
N ILE A 168 -10.41 -27.59 39.02
CA ILE A 168 -9.46 -27.16 38.00
C ILE A 168 -9.79 -27.70 36.63
N LYS A 169 -10.47 -28.84 36.58
CA LYS A 169 -10.84 -29.46 35.32
C LYS A 169 -12.08 -28.83 34.69
N LYS A 170 -12.66 -27.89 35.41
CA LYS A 170 -13.85 -27.19 34.97
C LYS A 170 -13.45 -25.73 34.68
N ASN A 171 -12.25 -25.37 35.11
CA ASN A 171 -11.70 -24.07 34.81
C ASN A 171 -10.85 -24.16 33.56
N ILE A 172 -10.44 -25.37 33.24
CA ILE A 172 -9.67 -25.62 32.06
C ILE A 172 -10.61 -25.78 30.89
N ASP A 173 -11.85 -26.16 31.18
CA ASP A 173 -12.83 -26.29 30.13
C ASP A 173 -13.57 -25.00 29.87
N ASP A 174 -13.34 -24.01 30.73
CA ASP A 174 -13.95 -22.70 30.58
C ASP A 174 -13.07 -21.78 29.76
N LEU A 175 -11.79 -21.89 29.98
CA LEU A 175 -10.86 -21.07 29.27
C LEU A 175 -10.55 -21.70 27.92
N LYS A 176 -11.32 -22.71 27.57
CA LYS A 176 -11.29 -23.27 26.23
C LYS A 176 -12.48 -22.73 25.45
N LYS A 177 -13.62 -22.71 26.11
CA LYS A 177 -14.81 -22.02 25.62
C LYS A 177 -14.46 -20.55 25.31
N ILE A 178 -13.68 -19.92 26.17
CA ILE A 178 -13.21 -18.57 25.91
C ILE A 178 -12.52 -18.52 24.57
N ALA A 179 -11.55 -19.41 24.37
CA ALA A 179 -10.78 -19.44 23.14
C ALA A 179 -11.59 -19.72 21.89
N GLU A 180 -12.64 -20.53 22.00
CA GLU A 180 -13.49 -20.80 20.86
C GLU A 180 -14.38 -19.57 20.49
N ASP A 181 -14.88 -18.85 21.49
CA ASP A 181 -15.60 -17.60 21.20
C ASP A 181 -14.68 -16.57 20.54
N LEU A 182 -13.49 -16.38 21.08
CA LEU A 182 -12.53 -15.44 20.47
C LEU A 182 -12.13 -15.83 19.02
N ILE A 183 -12.02 -17.12 18.75
CA ILE A 183 -11.74 -17.58 17.42
C ILE A 183 -12.93 -17.32 16.49
N LYS A 184 -14.13 -17.47 17.00
CA LYS A 184 -15.32 -17.18 16.18
C LYS A 184 -15.50 -15.68 15.94
N LYS A 185 -15.11 -14.85 16.90
CA LYS A 185 -15.14 -13.42 16.72
C LYS A 185 -14.19 -13.02 15.61
N ALA A 186 -12.98 -13.54 15.68
CA ALA A 186 -12.00 -13.28 14.63
C ALA A 186 -12.47 -13.77 13.26
N GLU A 187 -13.11 -14.92 13.19
CA GLU A 187 -13.65 -15.38 11.92
C GLU A 187 -14.83 -14.53 11.35
N GLU A 188 -15.60 -13.91 12.23
CA GLU A 188 -16.61 -12.95 11.83
C GLU A 188 -15.98 -11.65 11.27
N ASN A 189 -14.86 -11.22 11.84
CA ASN A 189 -14.09 -10.14 11.28
C ASN A 189 -13.41 -10.41 9.95
N ILE A 190 -12.85 -11.59 9.78
CA ILE A 190 -12.26 -11.92 8.49
C ILE A 190 -13.35 -11.98 7.47
N LYS A 191 -14.46 -12.59 7.88
CA LYS A 191 -15.62 -12.67 7.04
C LYS A 191 -16.48 -11.43 7.14
N GLU A 192 -15.93 -10.29 7.54
CA GLU A 192 -16.58 -9.01 7.29
C GLU A 192 -15.73 -8.07 6.46
N ALA A 193 -14.43 -8.15 6.69
CA ALA A 193 -13.45 -7.45 5.88
C ALA A 193 -13.48 -7.96 4.45
N LYS A 194 -13.77 -9.24 4.30
CA LYS A 194 -13.95 -9.79 2.97
C LYS A 194 -15.09 -9.08 2.25
N LYS A 195 -16.19 -8.91 2.96
CA LYS A 195 -17.33 -8.14 2.55
C LYS A 195 -16.98 -6.69 2.12
N ILE A 196 -16.19 -6.01 2.93
CA ILE A 196 -15.78 -4.68 2.55
C ILE A 196 -14.92 -4.66 1.31
N ALA A 197 -14.15 -5.70 1.07
CA ALA A 197 -13.30 -5.69 -0.10
C ALA A 197 -14.08 -5.90 -1.36
N GLU A 198 -15.06 -6.79 -1.29
CA GLU A 198 -15.90 -7.03 -2.47
C GLU A 198 -16.80 -5.81 -2.76
N GLN A 199 -17.23 -5.11 -1.70
CA GLN A 199 -18.01 -3.90 -1.87
C GLN A 199 -17.19 -2.78 -2.55
N LEU A 200 -15.90 -2.73 -2.24
CA LEU A 200 -15.00 -1.75 -2.80
C LEU A 200 -14.53 -2.09 -4.21
N VAL A 201 -14.67 -3.34 -4.60
CA VAL A 201 -14.40 -3.72 -5.97
C VAL A 201 -15.62 -3.38 -6.82
N LYS A 202 -16.81 -3.57 -6.26
CA LYS A 202 -18.06 -3.11 -6.90
C LYS A 202 -17.99 -1.58 -7.17
N ARG A 203 -17.73 -0.77 -6.15
CA ARG A 203 -17.67 0.69 -6.31
C ARG A 203 -16.65 1.17 -7.32
N ALA A 204 -15.79 0.31 -7.82
CA ALA A 204 -14.74 0.75 -8.71
C ALA A 204 -15.01 0.24 -10.11
N LYS A 205 -15.71 -0.88 -10.19
CA LYS A 205 -16.23 -1.35 -11.46
C LYS A 205 -17.32 -0.40 -11.98
N GLN A 206 -18.02 0.25 -11.07
CA GLN A 206 -18.93 1.31 -11.45
C GLN A 206 -18.24 2.54 -12.07
N LEU A 207 -17.05 2.83 -11.59
CA LEU A 207 -16.27 3.93 -12.09
C LEU A 207 -15.59 3.59 -13.40
N ILE A 208 -15.21 2.35 -13.60
CA ILE A 208 -14.68 1.93 -14.90
C ILE A 208 -15.81 1.98 -15.93
N GLU A 209 -17.02 1.58 -15.51
CA GLU A 209 -18.18 1.63 -16.43
C GLU A 209 -18.78 3.03 -16.62
N LYS A 210 -18.41 4.00 -15.78
CA LYS A 210 -18.74 5.41 -16.01
C LYS A 210 -17.75 6.07 -16.94
N ALA A 211 -16.47 5.77 -16.73
CA ALA A 211 -15.46 6.25 -17.66
C ALA A 211 -15.67 5.76 -19.11
N LYS A 212 -16.03 4.50 -19.28
CA LYS A 212 -16.35 3.95 -20.61
C LYS A 212 -17.46 4.75 -21.31
N GLN A 213 -18.40 5.20 -20.50
CA GLN A 213 -19.55 5.95 -20.94
C GLN A 213 -19.23 7.43 -21.32
N VAL A 214 -18.44 8.11 -20.51
CA VAL A 214 -17.98 9.42 -20.88
C VAL A 214 -17.22 9.31 -22.18
N ALA A 215 -16.39 8.29 -22.32
CA ALA A 215 -15.61 8.13 -23.54
C ALA A 215 -16.51 7.91 -24.77
N GLU A 216 -17.51 7.04 -24.64
CA GLU A 216 -18.40 6.73 -25.74
C GLU A 216 -19.25 7.94 -26.18
N GLU A 217 -19.74 8.69 -25.20
CA GLU A 217 -20.55 9.89 -25.46
C GLU A 217 -19.74 11.05 -26.06
N LEU A 218 -18.48 11.17 -25.68
CA LEU A 218 -17.62 12.19 -26.26
C LEU A 218 -17.25 11.82 -27.71
N ILE A 219 -17.03 10.54 -27.97
CA ILE A 219 -16.81 10.10 -29.35
C ILE A 219 -18.06 10.33 -30.22
N LYS A 220 -19.24 10.15 -29.62
CA LYS A 220 -20.52 10.47 -30.27
C LYS A 220 -20.71 11.96 -30.62
N LYS A 221 -20.34 12.84 -29.72
CA LYS A 221 -20.34 14.25 -30.03
C LYS A 221 -19.41 14.58 -31.18
N ILE A 222 -18.19 14.04 -31.17
CA ILE A 222 -17.28 14.21 -32.31
C ILE A 222 -17.84 13.70 -33.65
N LEU A 223 -18.56 12.59 -33.60
CA LEU A 223 -19.19 12.11 -34.81
C LEU A 223 -20.28 13.05 -35.32
N GLN A 224 -21.11 13.56 -34.42
CA GLN A 224 -22.06 14.60 -34.78
C GLN A 224 -21.35 15.80 -35.42
N LEU A 225 -20.14 16.12 -34.97
CA LEU A 225 -19.40 17.22 -35.59
C LEU A 225 -18.93 16.89 -36.99
N ILE A 226 -18.47 15.68 -37.24
CA ILE A 226 -18.07 15.38 -38.62
C ILE A 226 -19.29 15.34 -39.53
N GLU A 227 -20.42 14.92 -38.99
CA GLU A 227 -21.67 14.91 -39.75
C GLU A 227 -22.18 16.32 -40.08
N LYS A 228 -22.19 17.21 -39.09
CA LYS A 228 -22.51 18.61 -39.32
C LYS A 228 -21.63 19.11 -40.43
N ALA A 229 -20.33 19.07 -40.22
CA ALA A 229 -19.35 19.47 -41.24
C ALA A 229 -19.59 18.81 -42.61
N LYS A 230 -20.15 17.62 -42.61
CA LYS A 230 -20.43 16.92 -43.85
C LYS A 230 -21.60 17.62 -44.57
N GLU A 231 -22.71 17.77 -43.86
CA GLU A 231 -23.87 18.45 -44.41
C GLU A 231 -23.54 19.86 -44.84
N ILE A 232 -22.64 20.51 -44.13
CA ILE A 232 -22.25 21.86 -44.48
C ILE A 232 -21.42 21.81 -45.75
N ALA A 233 -20.52 20.84 -45.86
CA ALA A 233 -19.77 20.68 -47.09
C ALA A 233 -20.70 20.45 -48.29
N GLU A 234 -21.77 19.71 -48.08
CA GLU A 234 -22.76 19.54 -49.13
C GLU A 234 -23.63 20.79 -49.37
N LYS A 235 -23.82 21.62 -48.35
CA LYS A 235 -24.63 22.83 -48.45
C LYS A 235 -23.91 23.86 -49.28
N VAL A 236 -22.59 23.85 -49.22
CA VAL A 236 -21.80 24.73 -50.07
C VAL A 236 -21.59 24.02 -51.41
N LEU A 237 -21.68 22.70 -51.39
CA LEU A 237 -21.59 21.90 -52.62
C LEU A 237 -22.79 22.15 -53.53
N LYS A 238 -23.94 22.35 -52.89
CA LYS A 238 -25.18 22.59 -53.55
C LYS A 238 -25.10 23.94 -54.23
N GLY A 239 -24.78 24.96 -53.45
CA GLY A 239 -24.62 26.30 -54.01
C GLY A 239 -24.10 27.31 -53.03
N MET B 5 6.98 32.34 -45.27
CA MET B 5 8.42 32.49 -45.50
C MET B 5 9.21 31.30 -44.99
N LYS B 6 10.50 31.27 -45.28
CA LYS B 6 11.34 30.18 -44.83
C LYS B 6 12.08 30.61 -43.57
N LYS B 7 12.08 31.93 -43.33
CA LYS B 7 12.70 32.49 -42.14
C LYS B 7 11.75 32.40 -40.95
N LEU B 8 10.46 32.56 -41.21
CA LEU B 8 9.45 32.43 -40.18
C LEU B 8 9.34 30.96 -39.77
N TYR B 9 9.56 30.08 -40.73
CA TYR B 9 9.59 28.67 -40.46
C TYR B 9 10.75 28.44 -39.53
N LYS B 10 11.82 29.17 -39.77
CA LYS B 10 12.98 29.07 -38.90
C LYS B 10 12.59 29.54 -37.49
N GLN B 11 11.74 30.56 -37.44
CA GLN B 11 11.22 31.11 -36.18
C GLN B 11 10.19 30.20 -35.49
N MET B 12 9.74 29.16 -36.18
CA MET B 12 8.80 28.20 -35.60
C MET B 12 9.43 26.83 -35.41
N VAL B 13 10.68 26.69 -35.82
CA VAL B 13 11.42 25.47 -35.55
C VAL B 13 12.30 25.71 -34.33
N GLN B 14 12.84 26.92 -34.28
CA GLN B 14 13.64 27.31 -33.13
C GLN B 14 12.83 27.14 -31.86
N GLU B 15 11.64 27.73 -31.83
CA GLU B 15 10.79 27.76 -30.64
C GLU B 15 10.21 26.39 -30.28
N LEU B 16 10.07 25.52 -31.28
CA LEU B 16 9.58 24.17 -31.05
C LEU B 16 10.62 23.37 -30.32
N GLU B 17 11.85 23.53 -30.77
CA GLU B 17 12.95 22.90 -30.08
C GLU B 17 13.21 23.58 -28.72
N LYS B 18 12.80 24.84 -28.56
CA LYS B 18 12.83 25.46 -27.24
C LYS B 18 11.88 24.78 -26.28
N ALA B 19 10.65 24.57 -26.74
CA ALA B 19 9.65 23.89 -25.95
C ALA B 19 10.11 22.49 -25.57
N ARG B 20 10.67 21.77 -26.54
CA ARG B 20 11.16 20.44 -26.30
C ARG B 20 12.34 20.40 -25.32
N ASP B 21 13.27 21.34 -25.48
CA ASP B 21 14.37 21.43 -24.53
C ASP B 21 13.89 21.74 -23.12
N ARG B 22 12.74 22.42 -23.00
CA ARG B 22 12.10 22.64 -21.69
C ARG B 22 11.48 21.37 -21.10
N MET B 23 10.81 20.59 -21.94
CA MET B 23 10.16 19.37 -21.47
C MET B 23 11.16 18.30 -21.02
N GLU B 24 12.30 18.21 -21.69
CA GLU B 24 13.34 17.28 -21.26
C GLU B 24 13.90 17.69 -19.86
N LYS B 25 13.99 18.98 -19.59
CA LYS B 25 14.36 19.48 -18.27
C LYS B 25 13.30 19.18 -17.21
N LEU B 26 12.03 19.42 -17.52
CA LEU B 26 10.92 19.08 -16.62
C LEU B 26 11.00 17.63 -16.23
N TYR B 27 11.23 16.79 -17.24
CA TYR B 27 11.40 15.39 -16.97
C TYR B 27 12.54 15.16 -15.97
N LYS B 28 13.73 15.64 -16.29
CA LYS B 28 14.90 15.43 -15.43
C LYS B 28 14.76 16.00 -14.00
N GLU B 29 13.90 17.01 -13.84
CA GLU B 29 13.59 17.52 -12.52
C GLU B 29 12.67 16.52 -11.81
N MET B 30 11.75 15.90 -12.54
CA MET B 30 10.97 14.83 -11.91
C MET B 30 11.80 13.63 -11.47
N VAL B 31 12.80 13.27 -12.24
CA VAL B 31 13.62 12.13 -11.90
C VAL B 31 14.61 12.43 -10.78
N GLU B 32 15.15 13.65 -10.72
CA GLU B 32 15.94 14.03 -9.55
C GLU B 32 15.07 13.99 -8.29
N LEU B 33 13.87 14.54 -8.37
CA LEU B 33 12.88 14.43 -7.33
C LEU B 33 12.63 13.02 -6.83
N ILE B 34 12.33 12.13 -7.76
CA ILE B 34 12.07 10.73 -7.44
C ILE B 34 13.25 10.09 -6.73
N GLN B 35 14.45 10.25 -7.27
CA GLN B 35 15.65 9.64 -6.66
C GLN B 35 15.92 10.15 -5.25
N LYS B 36 15.63 11.42 -5.02
CA LYS B 36 15.72 11.96 -3.71
C LYS B 36 14.67 11.34 -2.76
N ALA B 37 13.45 11.15 -3.24
CA ALA B 37 12.46 10.47 -2.40
C ALA B 37 12.89 9.07 -1.94
N ILE B 38 13.43 8.31 -2.90
CA ILE B 38 13.99 6.98 -2.69
C ILE B 38 15.19 6.98 -1.72
N GLU B 39 16.09 7.95 -1.87
CA GLU B 39 17.20 8.03 -0.93
C GLU B 39 16.67 8.26 0.50
N LEU B 40 15.60 9.02 0.62
CA LEU B 40 14.91 9.21 1.89
C LEU B 40 14.33 7.89 2.50
N MET B 41 13.67 7.07 1.69
CA MET B 41 13.15 5.77 2.13
C MET B 41 14.22 4.84 2.65
N ARG B 42 15.35 4.77 1.96
CA ARG B 42 16.42 3.91 2.48
C ARG B 42 17.00 4.43 3.82
N LYS B 43 17.20 5.73 4.00
CA LYS B 43 17.62 6.19 5.34
C LYS B 43 16.57 5.93 6.42
N ILE B 44 15.30 5.94 6.04
CA ILE B 44 14.23 5.58 6.94
C ILE B 44 14.26 4.11 7.38
N PHE B 45 14.45 3.22 6.43
CA PHE B 45 14.59 1.81 6.75
C PHE B 45 15.78 1.55 7.62
N GLN B 46 16.92 2.17 7.31
CA GLN B 46 18.11 1.95 8.11
C GLN B 46 17.89 2.44 9.54
N GLU B 47 17.16 3.53 9.69
CA GLU B 47 16.73 4.01 10.98
C GLU B 47 15.90 2.94 11.75
N VAL B 48 14.90 2.37 11.10
CA VAL B 48 14.14 1.26 11.69
C VAL B 48 15.01 0.04 12.08
N LYS B 49 15.93 -0.34 11.20
CA LYS B 49 16.85 -1.47 11.39
C LYS B 49 17.79 -1.27 12.59
N GLN B 50 18.36 -0.08 12.70
CA GLN B 50 19.13 0.30 13.88
C GLN B 50 18.30 0.12 15.16
N GLU B 51 17.05 0.61 15.12
CA GLU B 51 16.18 0.50 16.26
C GLU B 51 15.83 -0.95 16.70
N VAL B 52 15.53 -1.80 15.74
CA VAL B 52 15.28 -3.21 15.97
C VAL B 52 16.49 -3.95 16.57
N GLU B 53 17.67 -3.73 16.00
CA GLU B 53 18.88 -4.32 16.56
C GLU B 53 19.10 -3.87 18.00
N LYS B 54 18.94 -2.60 18.30
CA LYS B 54 19.14 -2.17 19.67
C LYS B 54 18.12 -2.75 20.64
N ALA B 55 16.85 -2.81 20.25
CA ALA B 55 15.86 -3.42 21.11
C ALA B 55 16.19 -4.87 21.44
N ILE B 56 16.68 -5.59 20.44
CA ILE B 56 17.12 -6.94 20.64
C ILE B 56 18.31 -6.95 21.62
N GLU B 57 19.23 -6.02 21.45
CA GLU B 57 20.39 -5.89 22.33
C GLU B 57 19.99 -5.52 23.77
N GLU B 58 18.75 -5.11 24.00
CA GLU B 58 18.27 -4.82 25.35
C GLU B 58 17.53 -5.98 25.97
N MET B 59 16.82 -6.75 25.15
CA MET B 59 16.18 -7.95 25.60
C MET B 59 17.23 -8.95 26.06
N LYS B 60 18.33 -8.95 25.33
CA LYS B 60 19.43 -9.78 25.71
C LYS B 60 20.07 -9.39 27.08
N LYS B 61 20.34 -8.11 27.33
CA LYS B 61 20.90 -7.67 28.62
C LYS B 61 19.92 -7.82 29.80
N LEU B 62 18.64 -7.70 29.50
CA LEU B 62 17.56 -8.01 30.43
C LEU B 62 17.62 -9.46 30.86
N TYR B 63 17.81 -10.35 29.91
CA TYR B 63 17.95 -11.77 30.21
C TYR B 63 19.19 -11.98 31.09
N ASP B 64 20.34 -11.43 30.74
CA ASP B 64 21.49 -11.70 31.58
C ASP B 64 21.32 -11.21 33.04
N GLU B 65 20.75 -10.02 33.20
CA GLU B 65 20.38 -9.51 34.51
C GLU B 65 19.42 -10.49 35.26
N ALA B 66 18.42 -11.00 34.54
CA ALA B 66 17.46 -11.90 35.16
C ALA B 66 18.08 -13.24 35.54
N LYS B 67 18.99 -13.74 34.71
CA LYS B 67 19.58 -15.06 34.90
C LYS B 67 20.57 -15.03 36.04
N LYS B 68 21.31 -13.93 36.18
CA LYS B 68 22.14 -13.80 37.37
C LYS B 68 21.27 -13.79 38.62
N LYS B 69 20.18 -13.04 38.57
CA LYS B 69 19.30 -12.96 39.73
C LYS B 69 18.73 -14.30 40.17
N ILE B 70 18.21 -15.03 39.20
CA ILE B 70 17.57 -16.32 39.44
C ILE B 70 18.61 -17.37 39.86
N GLU B 71 19.74 -17.35 39.20
CA GLU B 71 20.83 -18.26 39.51
C GLU B 71 21.33 -18.03 40.95
N GLN B 72 21.46 -16.78 41.37
CA GLN B 72 21.87 -16.54 42.76
C GLN B 72 20.82 -16.95 43.78
N MET B 73 19.54 -16.81 43.42
CA MET B 73 18.48 -17.37 44.25
C MET B 73 18.67 -18.86 44.42
N ILE B 74 18.98 -19.54 43.34
CA ILE B 74 19.25 -20.97 43.38
C ILE B 74 20.48 -21.27 44.25
N GLN B 75 21.42 -20.34 44.32
CA GLN B 75 22.49 -20.54 45.30
C GLN B 75 21.97 -20.46 46.75
N GLN B 76 21.06 -19.53 47.05
CA GLN B 76 20.45 -19.50 48.39
C GLN B 76 19.63 -20.74 48.65
N ILE B 77 19.17 -21.40 47.58
CA ILE B 77 18.50 -22.70 47.70
C ILE B 77 19.55 -23.75 48.08
N LYS B 78 20.67 -23.72 47.38
CA LYS B 78 21.81 -24.57 47.70
C LYS B 78 22.13 -24.45 49.16
N GLN B 79 21.87 -23.26 49.69
CA GLN B 79 22.11 -22.93 51.09
C GLN B 79 20.75 -22.89 51.80
N GLY B 80 19.71 -23.31 51.08
CA GLY B 80 18.36 -23.34 51.59
C GLY B 80 18.14 -24.59 52.42
N GLY B 81 17.00 -24.64 53.08
CA GLY B 81 16.65 -25.74 53.96
C GLY B 81 15.21 -25.68 54.39
N ASP B 82 14.77 -24.55 54.96
CA ASP B 82 13.39 -24.40 55.40
C ASP B 82 12.44 -24.48 54.20
N LYS B 83 11.27 -25.07 54.38
CA LYS B 83 10.27 -25.14 53.32
C LYS B 83 9.78 -23.72 52.97
N GLN B 84 9.66 -22.92 54.01
CA GLN B 84 9.25 -21.55 53.93
C GLN B 84 10.10 -20.73 52.99
N LYS B 85 11.37 -20.60 53.37
CA LYS B 85 12.35 -19.89 52.57
C LYS B 85 12.37 -20.41 51.14
N MET B 86 12.10 -21.68 50.93
CA MET B 86 12.09 -22.22 49.58
C MET B 86 10.98 -21.61 48.73
N GLU B 87 9.73 -21.78 49.15
CA GLU B 87 8.62 -21.23 48.38
C GLU B 87 8.71 -19.70 48.25
N GLU B 88 9.32 -19.07 49.25
CA GLU B 88 9.51 -17.63 49.25
C GLU B 88 10.53 -17.21 48.16
N LEU B 89 11.60 -17.98 48.02
CA LEU B 89 12.58 -17.70 46.96
C LEU B 89 11.97 -17.98 45.58
N LEU B 90 11.16 -19.03 45.49
CA LEU B 90 10.45 -19.32 44.26
C LEU B 90 9.59 -18.14 43.89
N LYS B 91 9.07 -17.48 44.92
CA LYS B 91 8.26 -16.29 44.71
C LYS B 91 9.12 -15.18 44.09
N ARG B 92 10.24 -14.84 44.71
CA ARG B 92 11.11 -13.81 44.11
C ARG B 92 11.55 -14.09 42.66
N ALA B 93 11.79 -15.35 42.32
CA ALA B 93 12.19 -15.67 40.95
C ALA B 93 11.06 -15.54 39.90
N LYS B 94 9.87 -16.05 40.21
CA LYS B 94 8.79 -15.83 39.25
C LYS B 94 8.49 -14.33 39.13
N GLU B 95 8.67 -13.60 40.22
CA GLU B 95 8.47 -12.17 40.14
C GLU B 95 9.45 -11.53 39.17
N GLU B 96 10.75 -11.80 39.32
CA GLU B 96 11.72 -11.21 38.39
C GLU B 96 11.43 -11.60 36.95
N MET B 97 11.04 -12.85 36.70
CA MET B 97 10.62 -13.17 35.36
C MET B 97 9.46 -12.25 34.87
N LYS B 98 8.51 -11.97 35.75
CA LYS B 98 7.38 -11.13 35.37
C LYS B 98 7.84 -9.71 34.99
N LYS B 99 8.76 -9.17 35.77
CA LYS B 99 9.43 -7.91 35.43
C LYS B 99 10.01 -7.93 34.03
N VAL B 100 10.83 -8.95 33.76
CA VAL B 100 11.53 -9.05 32.51
C VAL B 100 10.64 -9.19 31.29
N LYS B 101 9.59 -9.98 31.43
CA LYS B 101 8.65 -10.14 30.35
C LYS B 101 7.90 -8.85 30.06
N ASP B 102 7.52 -8.14 31.11
CA ASP B 102 6.87 -6.86 30.90
C ASP B 102 7.76 -5.87 30.15
N LYS B 103 9.03 -5.82 30.52
CA LYS B 103 9.95 -4.92 29.84
C LYS B 103 10.12 -5.29 28.37
N MET B 104 10.21 -6.57 28.06
CA MET B 104 10.22 -6.93 26.65
C MET B 104 8.96 -6.47 25.92
N GLU B 105 7.78 -6.67 26.51
CA GLU B 105 6.53 -6.08 25.96
C GLU B 105 6.68 -4.59 25.64
N LYS B 106 7.26 -3.84 26.57
CA LYS B 106 7.58 -2.44 26.33
C LYS B 106 8.43 -2.26 25.07
N LEU B 107 9.55 -2.97 24.97
CA LEU B 107 10.38 -2.91 23.77
C LEU B 107 9.62 -3.15 22.45
N LEU B 108 8.85 -4.22 22.40
CA LEU B 108 8.14 -4.53 21.18
C LEU B 108 7.10 -3.48 20.82
N GLU B 109 6.41 -2.94 21.82
CA GLU B 109 5.46 -1.89 21.51
C GLU B 109 6.20 -0.68 20.89
N LYS B 110 7.34 -0.29 21.45
CA LYS B 110 8.19 0.71 20.82
C LYS B 110 8.53 0.44 19.37
N LEU B 111 8.94 -0.79 19.09
CA LEU B 111 9.24 -1.24 17.74
C LEU B 111 8.08 -1.15 16.76
N LYS B 112 6.91 -1.58 17.18
CA LYS B 112 5.70 -1.44 16.38
C LYS B 112 5.35 0.01 16.07
N GLN B 113 5.48 0.87 17.07
CA GLN B 113 5.13 2.23 16.82
C GLN B 113 6.13 2.89 15.85
N ILE B 114 7.42 2.64 16.01
CA ILE B 114 8.39 3.04 15.00
C ILE B 114 8.10 2.44 13.59
N MET B 115 7.73 1.16 13.54
CA MET B 115 7.32 0.58 12.28
C MET B 115 6.22 1.35 11.57
N GLN B 116 5.20 1.68 12.35
CA GLN B 116 4.01 2.39 11.91
C GLN B 116 4.33 3.86 11.52
N GLU B 117 5.23 4.47 12.31
CA GLU B 117 5.77 5.81 12.05
C GLU B 117 6.42 5.89 10.69
N ALA B 118 7.29 4.91 10.41
CA ALA B 118 8.03 4.85 9.16
C ALA B 118 7.15 4.50 7.97
N LYS B 119 6.09 3.74 8.19
CA LYS B 119 5.24 3.43 7.06
C LYS B 119 4.43 4.66 6.66
N GLN B 120 3.86 5.39 7.60
CA GLN B 120 3.15 6.57 7.13
C GLN B 120 4.09 7.64 6.57
N LYS B 121 5.32 7.74 7.07
CA LYS B 121 6.28 8.66 6.40
C LYS B 121 6.63 8.25 4.95
N MET B 122 6.83 6.96 4.70
CA MET B 122 7.12 6.52 3.34
C MET B 122 5.92 6.77 2.40
N GLU B 123 4.70 6.52 2.89
CA GLU B 123 3.49 6.82 2.11
C GLU B 123 3.29 8.32 1.88
N LYS B 124 3.67 9.14 2.85
CA LYS B 124 3.69 10.59 2.65
C LYS B 124 4.62 10.99 1.50
N LEU B 125 5.82 10.42 1.50
CA LEU B 125 6.74 10.65 0.38
C LEU B 125 6.03 10.32 -0.93
N LEU B 126 5.41 9.16 -1.03
CA LEU B 126 4.73 8.81 -2.27
C LEU B 126 3.61 9.78 -2.67
N LYS B 127 2.87 10.33 -1.71
CA LYS B 127 1.86 11.33 -2.06
C LYS B 127 2.47 12.60 -2.66
N GLN B 128 3.52 13.11 -2.01
CA GLN B 128 4.28 14.24 -2.53
C GLN B 128 4.81 13.95 -3.95
N LEU B 129 5.27 12.72 -4.17
CA LEU B 129 5.76 12.27 -5.46
C LEU B 129 4.67 12.41 -6.52
N LYS B 130 3.46 11.94 -6.22
CA LYS B 130 2.35 12.08 -7.17
C LYS B 130 1.93 13.51 -7.48
N GLU B 131 1.83 14.35 -6.45
CA GLU B 131 1.40 15.69 -6.75
C GLU B 131 2.48 16.43 -7.55
N GLU B 132 3.75 16.25 -7.24
CA GLU B 132 4.72 17.00 -8.02
C GLU B 132 4.79 16.41 -9.46
N MET B 133 4.41 15.14 -9.62
CA MET B 133 4.29 14.55 -10.96
C MET B 133 3.11 15.16 -11.73
N LYS B 134 2.08 15.50 -10.97
CA LYS B 134 0.89 16.22 -11.45
C LYS B 134 1.31 17.61 -11.96
N LYS B 135 2.19 18.25 -11.20
CA LYS B 135 2.68 19.57 -11.52
C LYS B 135 3.50 19.58 -12.80
N MET B 136 4.36 18.58 -12.89
CA MET B 136 5.21 18.33 -14.05
C MET B 136 4.34 18.10 -15.31
N LYS B 137 3.21 17.44 -15.11
CA LYS B 137 2.25 17.19 -16.18
C LYS B 137 1.56 18.43 -16.71
N GLU B 138 1.00 19.21 -15.81
CA GLU B 138 0.27 20.35 -16.29
C GLU B 138 1.20 21.46 -16.80
N LYS B 139 2.41 21.54 -16.29
CA LYS B 139 3.35 22.49 -16.90
C LYS B 139 3.75 22.09 -18.33
N MET B 140 3.98 20.80 -18.56
CA MET B 140 4.28 20.38 -19.91
C MET B 140 3.08 20.62 -20.87
N GLU B 141 1.86 20.41 -20.37
CA GLU B 141 0.70 20.63 -21.22
C GLU B 141 0.54 22.13 -21.49
N LYS B 142 0.87 22.96 -20.52
CA LYS B 142 0.93 24.40 -20.74
C LYS B 142 1.89 24.83 -21.86
N LEU B 143 3.11 24.31 -21.82
CA LEU B 143 4.07 24.54 -22.90
C LEU B 143 3.50 24.16 -24.25
N LEU B 144 2.79 23.04 -24.29
CA LEU B 144 2.20 22.58 -25.55
C LEU B 144 1.08 23.51 -26.03
N LYS B 145 0.39 24.11 -25.06
CA LYS B 145 -0.67 25.06 -25.37
C LYS B 145 -0.05 26.30 -26.00
N GLU B 146 1.10 26.69 -25.47
CA GLU B 146 1.79 27.86 -25.98
C GLU B 146 2.29 27.59 -27.40
N MET B 147 2.67 26.35 -27.67
CA MET B 147 3.13 26.03 -29.01
C MET B 147 1.99 26.04 -30.01
N LYS B 148 0.83 25.49 -29.66
CA LYS B 148 -0.28 25.55 -30.60
C LYS B 148 -0.78 26.97 -30.83
N GLN B 149 -0.77 27.79 -29.79
CA GLN B 149 -1.21 29.16 -29.98
C GLN B 149 -0.24 29.97 -30.83
N ARG B 150 1.06 29.88 -30.59
CA ARG B 150 1.98 30.63 -31.43
C ARG B 150 2.03 30.06 -32.85
N MET B 151 1.65 28.80 -32.96
CA MET B 151 1.48 28.19 -34.27
C MET B 151 0.26 28.81 -34.96
N GLU B 152 -0.78 29.09 -34.19
CA GLU B 152 -1.97 29.74 -34.72
C GLU B 152 -1.64 31.18 -35.11
N GLU B 153 -0.62 31.76 -34.47
CA GLU B 153 -0.11 33.06 -34.91
C GLU B 153 0.44 32.93 -36.30
N VAL B 154 1.45 32.06 -36.45
CA VAL B 154 2.09 31.89 -37.75
C VAL B 154 1.06 31.47 -38.84
N LYS B 155 -0.09 30.95 -38.41
CA LYS B 155 -1.19 30.73 -39.35
C LYS B 155 -1.98 31.99 -39.74
N LYS B 156 -2.64 32.57 -38.75
CA LYS B 156 -3.66 33.59 -38.98
C LYS B 156 -3.15 34.87 -39.64
N LYS B 157 -1.83 35.06 -39.73
CA LYS B 157 -1.33 36.26 -40.40
C LYS B 157 -0.78 35.94 -41.78
N MET B 158 0.42 35.37 -41.79
CA MET B 158 1.03 34.99 -43.05
C MET B 158 0.41 33.68 -43.49
N ASP B 159 -0.07 33.68 -44.72
CA ASP B 159 -0.79 32.54 -45.25
C ASP B 159 -0.15 32.08 -46.55
N GLY B 160 1.07 32.54 -46.80
CA GLY B 160 1.89 32.05 -47.89
C GLY B 160 2.61 30.79 -47.42
N ASP B 161 1.82 29.79 -47.05
CA ASP B 161 2.28 28.65 -46.28
C ASP B 161 1.20 27.55 -46.17
N ASP B 162 1.32 26.47 -46.93
CA ASP B 162 0.31 25.42 -46.83
C ASP B 162 0.89 24.02 -46.61
N GLU B 163 2.05 23.76 -47.20
CA GLU B 163 2.79 22.52 -46.98
C GLU B 163 3.69 22.72 -45.77
N LEU B 164 4.06 23.98 -45.54
CA LEU B 164 4.79 24.37 -44.32
C LEU B 164 3.85 24.21 -43.14
N LEU B 165 2.65 24.76 -43.31
CA LEU B 165 1.58 24.68 -42.35
C LEU B 165 1.42 23.28 -41.79
N GLU B 166 1.52 22.29 -42.65
CA GLU B 166 1.33 20.93 -42.24
C GLU B 166 2.65 20.29 -41.76
N LYS B 167 3.78 20.96 -41.98
CA LYS B 167 5.07 20.49 -41.47
C LYS B 167 5.34 20.95 -40.06
N ILE B 168 4.57 21.94 -39.63
CA ILE B 168 4.64 22.44 -38.27
C ILE B 168 3.49 21.82 -37.52
N LYS B 169 2.45 21.44 -38.24
CA LYS B 169 1.28 20.83 -37.61
C LYS B 169 1.60 19.37 -37.38
N LYS B 170 2.77 18.95 -37.84
CA LYS B 170 3.23 17.58 -37.71
C LYS B 170 4.40 17.56 -36.74
N ASN B 171 4.91 18.74 -36.43
CA ASN B 171 5.96 18.90 -35.44
C ASN B 171 5.36 19.21 -34.07
N ILE B 172 4.11 19.65 -34.07
CA ILE B 172 3.41 19.91 -32.84
C ILE B 172 2.82 18.61 -32.35
N ASP B 173 2.63 17.69 -33.27
CA ASP B 173 2.13 16.38 -32.90
C ASP B 173 3.29 15.44 -32.57
N ASP B 174 4.52 15.89 -32.82
CA ASP B 174 5.70 15.10 -32.51
C ASP B 174 6.17 15.36 -31.10
N LEU B 175 6.10 16.61 -30.73
CA LEU B 175 6.49 17.03 -29.41
C LEU B 175 5.34 16.82 -28.45
N LYS B 176 4.29 16.15 -28.91
CA LYS B 176 3.22 15.75 -28.02
C LYS B 176 3.45 14.32 -27.68
N LYS B 177 3.79 13.55 -28.69
CA LYS B 177 4.28 12.21 -28.52
C LYS B 177 5.47 12.23 -27.54
N ILE B 178 6.36 13.22 -27.68
CA ILE B 178 7.48 13.41 -26.76
C ILE B 178 6.98 13.50 -25.33
N ALA B 179 6.03 14.40 -25.10
CA ALA B 179 5.46 14.62 -23.79
C ALA B 179 4.75 13.37 -23.26
N GLU B 180 4.14 12.58 -24.15
CA GLU B 180 3.49 11.36 -23.66
C GLU B 180 4.48 10.31 -23.20
N ASP B 181 5.59 10.15 -23.93
CA ASP B 181 6.68 9.24 -23.53
C ASP B 181 7.34 9.66 -22.20
N LEU B 182 7.66 10.94 -22.07
CA LEU B 182 8.24 11.46 -20.84
C LEU B 182 7.31 11.28 -19.61
N ILE B 183 6.01 11.45 -19.81
CA ILE B 183 5.05 11.19 -18.75
C ILE B 183 4.91 9.71 -18.40
N LYS B 184 4.96 8.83 -19.40
CA LYS B 184 4.89 7.41 -19.09
C LYS B 184 6.16 6.91 -18.41
N LYS B 185 7.31 7.49 -18.77
CA LYS B 185 8.58 7.17 -18.13
C LYS B 185 8.56 7.57 -16.67
N ALA B 186 8.13 8.80 -16.44
CA ALA B 186 8.01 9.29 -15.08
C ALA B 186 7.05 8.45 -14.27
N GLU B 187 5.96 7.99 -14.88
CA GLU B 187 5.07 7.11 -14.15
C GLU B 187 5.70 5.74 -13.86
N GLU B 188 6.60 5.26 -14.71
CA GLU B 188 7.40 4.05 -14.37
C GLU B 188 8.43 4.24 -13.23
N ASN B 189 9.04 5.41 -13.16
CA ASN B 189 9.89 5.76 -12.05
C ASN B 189 9.14 5.87 -10.73
N ILE B 190 7.96 6.47 -10.77
CA ILE B 190 7.17 6.50 -9.56
C ILE B 190 6.74 5.08 -9.21
N LYS B 191 6.35 4.31 -10.21
CA LYS B 191 5.98 2.91 -10.03
C LYS B 191 7.13 1.92 -10.01
N GLU B 192 8.34 2.36 -9.66
CA GLU B 192 9.41 1.45 -9.25
C GLU B 192 9.77 1.84 -7.84
N ALA B 193 9.70 3.14 -7.56
CA ALA B 193 9.85 3.63 -6.20
C ALA B 193 8.75 3.15 -5.21
N LYS B 194 7.54 2.98 -5.71
CA LYS B 194 6.45 2.40 -4.93
C LYS B 194 6.84 0.99 -4.50
N LYS B 195 7.38 0.25 -5.46
CA LYS B 195 8.01 -1.06 -5.27
C LYS B 195 9.10 -1.06 -4.16
N ILE B 196 9.97 -0.05 -4.20
CA ILE B 196 10.96 0.08 -3.17
C ILE B 196 10.34 0.35 -1.81
N ALA B 197 9.20 1.01 -1.78
CA ALA B 197 8.59 1.31 -0.50
C ALA B 197 8.02 0.02 0.06
N GLU B 198 7.40 -0.79 -0.79
CA GLU B 198 6.86 -2.06 -0.29
C GLU B 198 7.96 -3.05 0.11
N GLN B 199 9.07 -3.03 -0.60
CA GLN B 199 10.21 -3.88 -0.27
C GLN B 199 10.82 -3.51 1.10
N LEU B 200 10.85 -2.21 1.40
CA LEU B 200 11.38 -1.71 2.66
C LEU B 200 10.41 -1.79 3.84
N VAL B 201 9.13 -1.91 3.55
CA VAL B 201 8.16 -2.17 4.61
C VAL B 201 8.12 -3.65 4.98
N LYS B 202 8.24 -4.45 3.95
CA LYS B 202 8.40 -5.88 4.04
C LYS B 202 9.62 -6.32 4.86
N ARG B 203 10.80 -5.85 4.45
CA ARG B 203 12.02 -6.22 5.11
C ARG B 203 12.09 -5.81 6.57
N ALA B 204 11.14 -4.99 7.02
CA ALA B 204 11.18 -4.44 8.36
C ALA B 204 10.12 -5.04 9.23
N LYS B 205 9.05 -5.48 8.59
CA LYS B 205 8.08 -6.30 9.28
C LYS B 205 8.71 -7.64 9.63
N GLN B 206 9.68 -8.05 8.80
CA GLN B 206 10.53 -9.22 9.07
C GLN B 206 11.40 -9.05 10.34
N LEU B 207 11.86 -7.83 10.57
CA LEU B 207 12.67 -7.52 11.70
C LEU B 207 11.81 -7.37 12.94
N ILE B 208 10.59 -6.92 12.77
CA ILE B 208 9.67 -6.89 13.87
C ILE B 208 9.33 -8.32 14.28
N GLU B 209 9.19 -9.23 13.32
CA GLU B 209 8.94 -10.64 13.64
C GLU B 209 10.21 -11.41 14.10
N LYS B 210 11.40 -10.84 13.92
CA LYS B 210 12.58 -11.43 14.53
C LYS B 210 12.73 -11.01 15.97
N ALA B 211 12.49 -9.75 16.26
CA ALA B 211 12.47 -9.30 17.64
C ALA B 211 11.40 -10.02 18.47
N LYS B 212 10.21 -10.22 17.88
CA LYS B 212 9.15 -10.98 18.56
C LYS B 212 9.62 -12.37 18.98
N GLN B 213 10.45 -12.93 18.11
CA GLN B 213 11.03 -14.25 18.23
C GLN B 213 12.16 -14.30 19.33
N VAL B 214 13.05 -13.31 19.33
CA VAL B 214 14.02 -13.21 20.39
C VAL B 214 13.33 -13.11 21.73
N ALA B 215 12.26 -12.32 21.82
CA ALA B 215 11.54 -12.13 23.07
C ALA B 215 10.91 -13.43 23.54
N GLU B 216 10.30 -14.18 22.63
CA GLU B 216 9.65 -15.44 23.01
C GLU B 216 10.67 -16.46 23.51
N GLU B 217 11.82 -16.55 22.82
CA GLU B 217 12.86 -17.49 23.24
C GLU B 217 13.57 -17.12 24.55
N LEU B 218 13.74 -15.84 24.81
CA LEU B 218 14.34 -15.44 26.07
C LEU B 218 13.42 -15.64 27.26
N ILE B 219 12.13 -15.38 27.07
CA ILE B 219 11.16 -15.67 28.13
C ILE B 219 11.09 -17.19 28.37
N LYS B 220 11.23 -17.96 27.30
CA LYS B 220 11.32 -19.41 27.37
C LYS B 220 12.55 -19.92 28.16
N LYS B 221 13.72 -19.33 27.95
CA LYS B 221 14.87 -19.65 28.78
C LYS B 221 14.67 -19.32 30.24
N ILE B 222 14.15 -18.14 30.54
CA ILE B 222 13.83 -17.77 31.93
C ILE B 222 12.87 -18.74 32.61
N LEU B 223 11.90 -19.24 31.85
CA LEU B 223 11.00 -20.26 32.36
C LEU B 223 11.74 -21.58 32.67
N GLN B 224 12.62 -21.99 31.77
CA GLN B 224 13.51 -23.13 32.03
C GLN B 224 14.30 -22.93 33.33
N LEU B 225 14.66 -21.69 33.62
CA LEU B 225 15.36 -21.39 34.86
C LEU B 225 14.47 -21.52 36.09
N ILE B 226 13.22 -21.08 36.01
CA ILE B 226 12.38 -21.26 37.18
C ILE B 226 12.04 -22.75 37.39
N GLU B 227 11.96 -23.52 36.30
CA GLU B 227 11.71 -24.96 36.44
C GLU B 227 12.90 -25.62 37.10
N LYS B 228 14.12 -25.30 36.67
CA LYS B 228 15.27 -25.78 37.39
C LYS B 228 15.16 -25.49 38.87
N ALA B 229 15.14 -24.20 39.24
CA ALA B 229 15.00 -23.82 40.66
C ALA B 229 13.86 -24.49 41.41
N LYS B 230 12.79 -24.83 40.72
CA LYS B 230 11.66 -25.52 41.32
C LYS B 230 12.04 -26.97 41.65
N GLU B 231 12.55 -27.65 40.62
CA GLU B 231 13.00 -29.02 40.67
C GLU B 231 14.06 -29.19 41.73
N ILE B 232 14.88 -28.16 41.84
CA ILE B 232 15.96 -28.06 42.79
C ILE B 232 15.41 -27.88 44.20
N ALA B 233 14.39 -27.04 44.32
CA ALA B 233 13.70 -26.87 45.59
C ALA B 233 13.17 -28.20 46.10
N GLU B 234 12.69 -29.03 45.18
CA GLU B 234 12.25 -30.39 45.55
C GLU B 234 13.46 -31.29 45.85
N LYS B 235 14.60 -31.03 45.22
CA LYS B 235 15.78 -31.87 45.46
C LYS B 235 16.37 -31.63 46.83
N VAL B 236 16.28 -30.41 47.34
CA VAL B 236 16.71 -30.14 48.71
C VAL B 236 15.58 -30.41 49.70
N LEU B 237 14.34 -30.32 49.24
CA LEU B 237 13.24 -30.66 50.14
C LEU B 237 13.27 -32.17 50.42
N LYS B 238 13.66 -32.93 49.41
CA LYS B 238 13.77 -34.38 49.49
C LYS B 238 14.93 -34.72 50.38
N GLY B 239 16.09 -34.19 50.01
CA GLY B 239 17.32 -34.35 50.77
C GLY B 239 18.44 -33.52 50.18
#